data_8ARX
#
_entry.id   8ARX
#
_cell.length_a   81.979
_cell.length_b   112.338
_cell.length_c   62.521
_cell.angle_alpha   90.00
_cell.angle_beta   90.00
_cell.angle_gamma   90.00
#
_symmetry.space_group_name_H-M   'C 2 2 21'
#
loop_
_entity.id
_entity.type
_entity.pdbx_description
1 polymer '14-3-3 protein sigma'
2 polymer 'Estrogen receptor'
3 non-polymer 'MAGNESIUM ION'
4 non-polymer 2-chloranyl-N-[[1-[1-(4-chloranylphenoxy)cyclopropyl]carbonylpiperidin-4-yl]methyl]ethanamide
5 water water
#
loop_
_entity_poly.entity_id
_entity_poly.type
_entity_poly.pdbx_seq_one_letter_code
_entity_poly.pdbx_strand_id
1 'polypeptide(L)'
;GAMGSMERASLIQKAKLAEQAERYEDMAAFMKGAVEKGEELSCEERNLLSVAYKNVVGGQRAAWRVLSSIEQKSNEEGSE
EKGPEVREYREKVETELQGVCDTVLGLLDSHLIKEAGDAESRVFYLKMKGDYYRYLAEVATGDDKKRIIDSARSAYQEAM
DISKKEMPPTNPIRLGLALNFSVFHYEIANSPEEAISLAKTTFDEAMADLHTLSEDSYKDSTLIMQLLRDNLTLWT
;
A
2 'polypeptide(L)' FPA(TPO)V B
#
loop_
_chem_comp.id
_chem_comp.type
_chem_comp.name
_chem_comp.formula
MG non-polymer 'MAGNESIUM ION' 'Mg 2'
NR6 non-polymer 2-chloranyl-N-[[1-[1-(4-chloranylphenoxy)cyclopropyl]carbonylpiperidin-4-yl]methyl]ethanamide 'C18 H22 Cl2 N2 O3'
#
# COMPACT_ATOMS: atom_id res chain seq x y z
N GLY A 1 -20.25 -14.94 2.33
CA GLY A 1 -19.90 -13.57 2.70
C GLY A 1 -21.17 -12.76 2.86
N ALA A 2 -21.12 -11.78 3.78
CA ALA A 2 -22.29 -10.99 4.12
C ALA A 2 -22.74 -10.13 2.94
N MET A 3 -21.84 -9.87 1.98
CA MET A 3 -22.21 -9.13 0.79
C MET A 3 -22.65 -9.94 -0.39
N GLY A 4 -22.74 -11.27 -0.19
CA GLY A 4 -23.09 -12.15 -1.28
C GLY A 4 -24.45 -11.93 -1.90
N SER A 5 -25.40 -11.39 -1.13
CA SER A 5 -26.70 -11.13 -1.63
C SER A 5 -26.90 -9.78 -2.28
N MET A 6 -25.89 -8.90 -2.23
CA MET A 6 -26.01 -7.57 -2.81
C MET A 6 -25.44 -7.53 -4.21
N GLU A 7 -26.16 -6.84 -5.10
CA GLU A 7 -25.69 -6.64 -6.48
C GLU A 7 -24.32 -6.00 -6.52
N ARG A 8 -23.52 -6.42 -7.48
CA ARG A 8 -22.21 -5.79 -7.71
C ARG A 8 -22.35 -4.25 -7.81
N ALA A 9 -23.27 -3.77 -8.64
CA ALA A 9 -23.37 -2.35 -8.88
C ALA A 9 -23.74 -1.62 -7.60
N SER A 10 -24.60 -2.24 -6.79
CA SER A 10 -25.00 -1.65 -5.52
C SER A 10 -23.85 -1.58 -4.53
N LEU A 11 -22.98 -2.60 -4.54
CA LEU A 11 -21.79 -2.58 -3.68
C LEU A 11 -20.88 -1.41 -4.07
N ILE A 12 -20.67 -1.23 -5.37
CA ILE A 12 -19.84 -0.14 -5.87
C ILE A 12 -20.46 1.23 -5.52
N GLN A 13 -21.77 1.35 -5.70
CA GLN A 13 -22.51 2.57 -5.34
C GLN A 13 -22.29 2.88 -3.86
N LYS A 14 -22.48 1.87 -3.01
CA LYS A 14 -22.33 2.05 -1.59
C LYS A 14 -20.90 2.32 -1.15
N ALA A 15 -19.92 1.73 -1.85
CA ALA A 15 -18.52 2.06 -1.55
C ALA A 15 -18.27 3.57 -1.76
N LYS A 16 -18.86 4.13 -2.82
CA LYS A 16 -18.69 5.56 -3.12
C LYS A 16 -19.37 6.40 -2.05
N LEU A 17 -20.55 5.99 -1.58
CA LEU A 17 -21.24 6.67 -0.48
C LEU A 17 -20.41 6.59 0.82
N ALA A 18 -19.87 5.42 1.12
CA ALA A 18 -19.07 5.23 2.30
C ALA A 18 -17.83 6.14 2.27
N GLU A 19 -17.20 6.28 1.09
CA GLU A 19 -16.08 7.19 0.95
C GLU A 19 -16.51 8.63 1.30
N GLN A 20 -17.65 9.06 0.75
CA GLN A 20 -18.14 10.41 1.03
C GLN A 20 -18.39 10.64 2.52
N ALA A 21 -18.86 9.59 3.20
CA ALA A 21 -19.13 9.60 4.64
C ALA A 21 -17.92 9.32 5.51
N GLU A 22 -16.75 9.10 4.88
CA GLU A 22 -15.51 8.72 5.57
C GLU A 22 -15.67 7.50 6.46
N ARG A 23 -16.43 6.56 5.92
CA ARG A 23 -16.71 5.25 6.53
C ARG A 23 -15.87 4.19 5.83
N TYR A 24 -14.58 4.19 6.11
CA TYR A 24 -13.63 3.42 5.29
C TYR A 24 -13.71 1.91 5.57
N GLU A 25 -14.08 1.50 6.79
CA GLU A 25 -14.30 0.07 7.04
C GLU A 25 -15.48 -0.43 6.22
N ASP A 26 -16.56 0.34 6.16
CA ASP A 26 -17.69 -0.05 5.34
C ASP A 26 -17.27 -0.09 3.86
N MET A 27 -16.52 0.94 3.44
CA MET A 27 -16.06 1.05 2.06
C MET A 27 -15.29 -0.22 1.66
N ALA A 28 -14.40 -0.64 2.54
CA ALA A 28 -13.58 -1.81 2.28
C ALA A 28 -14.42 -3.09 2.21
N ALA A 29 -15.40 -3.21 3.12
CA ALA A 29 -16.27 -4.36 3.10
C ALA A 29 -17.12 -4.42 1.83
N PHE A 30 -17.60 -3.28 1.36
CA PHE A 30 -18.32 -3.23 0.10
C PHE A 30 -17.44 -3.66 -1.05
N MET A 31 -16.21 -3.13 -1.09
CA MET A 31 -15.31 -3.44 -2.20
C MET A 31 -14.86 -4.90 -2.17
N LYS A 32 -14.67 -5.47 -0.98
CA LYS A 32 -14.37 -6.89 -0.87
C LYS A 32 -15.53 -7.71 -1.47
N GLY A 33 -16.77 -7.32 -1.13
CA GLY A 33 -17.92 -7.95 -1.75
C GLY A 33 -17.91 -7.87 -3.25
N ALA A 34 -17.59 -6.68 -3.76
CA ALA A 34 -17.53 -6.48 -5.21
C ALA A 34 -16.47 -7.37 -5.87
N VAL A 35 -15.27 -7.43 -5.28
CA VAL A 35 -14.24 -8.29 -5.83
C VAL A 35 -14.72 -9.74 -5.86
N GLU A 36 -15.37 -10.18 -4.79
CA GLU A 36 -15.78 -11.56 -4.67
C GLU A 36 -16.91 -11.96 -5.64
N LYS A 37 -17.50 -10.99 -6.35
CA LYS A 37 -18.38 -11.33 -7.47
C LYS A 37 -17.67 -12.06 -8.58
N GLY A 38 -16.34 -11.90 -8.68
CA GLY A 38 -15.55 -12.66 -9.60
C GLY A 38 -15.19 -12.01 -10.91
N GLU A 39 -15.78 -10.86 -11.19
CA GLU A 39 -15.46 -10.11 -12.39
C GLU A 39 -14.24 -9.25 -12.14
N GLU A 40 -13.50 -8.98 -13.22
CA GLU A 40 -12.41 -8.02 -13.15
C GLU A 40 -12.94 -6.62 -12.75
N LEU A 41 -12.04 -5.80 -12.20
CA LEU A 41 -12.34 -4.44 -11.76
C LEU A 41 -11.88 -3.44 -12.82
N SER A 42 -12.70 -2.42 -13.03
CA SER A 42 -12.31 -1.28 -13.83
C SER A 42 -11.25 -0.46 -13.09
N CYS A 43 -10.69 0.53 -13.80
CA CYS A 43 -9.78 1.43 -13.15
C CYS A 43 -10.39 2.13 -11.92
N GLU A 44 -11.58 2.70 -12.11
CA GLU A 44 -12.22 3.40 -11.02
C GLU A 44 -12.45 2.44 -9.85
N GLU A 45 -12.89 1.20 -10.15
CA GLU A 45 -13.16 0.24 -9.09
C GLU A 45 -11.89 -0.19 -8.36
N ARG A 46 -10.78 -0.33 -9.10
CA ARG A 46 -9.47 -0.65 -8.46
C ARG A 46 -9.12 0.46 -7.48
N ASN A 47 -9.35 1.71 -7.87
CA ASN A 47 -9.06 2.85 -7.01
C ASN A 47 -9.92 2.84 -5.77
N LEU A 48 -11.20 2.47 -5.89
CA LEU A 48 -12.04 2.37 -4.71
C LEU A 48 -11.51 1.33 -3.72
N LEU A 49 -11.13 0.18 -4.27
CA LEU A 49 -10.57 -0.90 -3.46
C LEU A 49 -9.34 -0.41 -2.71
N SER A 50 -8.42 0.20 -3.44
CA SER A 50 -7.17 0.65 -2.82
C SER A 50 -7.40 1.73 -1.78
N VAL A 51 -8.24 2.73 -2.10
CA VAL A 51 -8.49 3.81 -1.13
C VAL A 51 -9.06 3.26 0.16
N ALA A 52 -10.02 2.34 0.04
CA ALA A 52 -10.68 1.82 1.21
C ALA A 52 -9.69 1.16 2.16
N TYR A 53 -8.96 0.18 1.63
CA TYR A 53 -8.02 -0.57 2.48
C TYR A 53 -6.82 0.28 2.91
N LYS A 54 -6.40 1.25 2.09
CA LYS A 54 -5.30 2.13 2.51
C LYS A 54 -5.68 2.90 3.76
N ASN A 55 -6.92 3.38 3.79
CA ASN A 55 -7.37 4.16 4.91
C ASN A 55 -7.57 3.27 6.14
N VAL A 56 -8.12 2.06 5.97
CA VAL A 56 -8.30 1.16 7.13
C VAL A 56 -6.94 0.79 7.71
N VAL A 57 -6.01 0.31 6.86
CA VAL A 57 -4.72 -0.15 7.39
C VAL A 57 -3.90 1.03 7.87
N GLY A 58 -4.06 2.21 7.22
CA GLY A 58 -3.33 3.36 7.66
C GLY A 58 -3.66 3.74 9.07
N GLY A 59 -4.95 3.66 9.43
CA GLY A 59 -5.34 3.94 10.80
C GLY A 59 -4.78 2.91 11.77
N GLN A 60 -4.76 1.63 11.36
CA GLN A 60 -4.23 0.58 12.21
C GLN A 60 -2.73 0.76 12.41
N ARG A 61 -2.02 1.13 11.35
CA ARG A 61 -0.56 1.35 11.44
C ARG A 61 -0.29 2.51 12.40
N ALA A 62 -1.04 3.60 12.28
CA ALA A 62 -0.80 4.71 13.16
C ALA A 62 -1.02 4.32 14.61
N ALA A 63 -2.07 3.53 14.87
CA ALA A 63 -2.36 3.10 16.25
C ALA A 63 -1.28 2.15 16.75
N TRP A 64 -0.85 1.24 15.88
CA TRP A 64 0.21 0.31 16.24
C TRP A 64 1.48 1.07 16.63
N ARG A 65 1.81 2.11 15.88
CA ARG A 65 3.05 2.87 16.17
C ARG A 65 2.92 3.56 17.54
N VAL A 66 1.74 4.12 17.85
CA VAL A 66 1.56 4.76 19.16
C VAL A 66 1.80 3.71 20.27
N LEU A 67 1.17 2.55 20.12
CA LEU A 67 1.25 1.54 21.13
C LEU A 67 2.67 0.94 21.26
N SER A 68 3.32 0.70 20.12
CA SER A 68 4.68 0.20 20.11
C SER A 68 5.63 1.17 20.82
N SER A 69 5.45 2.47 20.62
CA SER A 69 6.30 3.46 21.29
C SER A 69 6.11 3.41 22.80
N ILE A 70 4.86 3.28 23.26
CA ILE A 70 4.56 3.17 24.68
C ILE A 70 5.21 1.89 25.23
N GLU A 71 5.11 0.81 24.47
CA GLU A 71 5.68 -0.47 24.89
C GLU A 71 7.22 -0.38 25.00
N GLN A 72 7.85 0.25 24.02
CA GLN A 72 9.30 0.40 24.01
C GLN A 72 9.74 1.20 25.25
N LYS A 73 9.00 2.29 25.53
CA LYS A 73 9.33 3.12 26.69
C LYS A 73 9.22 2.35 28.01
N SER A 74 8.24 1.44 28.08
CA SER A 74 8.03 0.58 29.26
C SER A 74 9.19 -0.37 29.51
N ASN A 75 9.95 -0.67 28.45
CA ASN A 75 11.06 -1.60 28.55
C ASN A 75 12.43 -0.93 28.80
N GLU A 76 12.43 0.40 28.94
CA GLU A 76 13.62 1.16 29.31
C GLU A 76 13.93 1.06 30.81
N GLU A 77 15.22 1.23 31.15
CA GLU A 77 15.67 1.23 32.53
C GLU A 77 14.93 2.34 33.29
N GLY A 78 14.43 1.99 34.48
CA GLY A 78 13.84 2.96 35.37
C GLY A 78 12.34 3.08 35.18
N SER A 79 11.79 2.38 34.17
CA SER A 79 10.36 2.39 33.89
C SER A 79 9.68 1.43 34.86
N GLU A 80 8.58 1.87 35.45
CA GLU A 80 7.85 1.08 36.45
C GLU A 80 7.09 -0.04 35.72
N GLU A 81 7.10 -1.25 36.28
CA GLU A 81 6.37 -2.39 35.74
C GLU A 81 4.88 -2.10 35.80
N LYS A 82 4.19 -2.22 34.67
CA LYS A 82 2.75 -1.94 34.62
C LYS A 82 1.91 -3.12 34.19
N GLY A 83 2.57 -4.28 34.07
CA GLY A 83 1.90 -5.51 33.72
C GLY A 83 1.82 -5.75 32.22
N PRO A 84 1.01 -6.73 31.80
CA PRO A 84 1.02 -7.19 30.42
C PRO A 84 0.13 -6.36 29.47
N GLU A 85 -0.56 -5.35 30.01
CA GLU A 85 -1.65 -4.72 29.23
C GLU A 85 -1.17 -4.01 27.97
N VAL A 86 -0.04 -3.31 28.04
CA VAL A 86 0.44 -2.60 26.86
C VAL A 86 0.77 -3.59 25.75
N ARG A 87 1.51 -4.65 26.08
CA ARG A 87 1.83 -5.70 25.08
C ARG A 87 0.55 -6.31 24.56
N GLU A 88 -0.38 -6.68 25.46
CA GLU A 88 -1.62 -7.30 25.01
C GLU A 88 -2.34 -6.43 23.99
N TYR A 89 -2.46 -5.14 24.30
CA TYR A 89 -3.27 -4.27 23.44
C TYR A 89 -2.53 -4.02 22.13
N ARG A 90 -1.22 -3.84 22.17
CA ARG A 90 -0.43 -3.73 20.93
C ARG A 90 -0.63 -5.00 20.09
N GLU A 91 -0.58 -6.17 20.74
CA GLU A 91 -0.85 -7.41 20.04
C GLU A 91 -2.23 -7.49 19.42
N LYS A 92 -3.23 -6.97 20.11
CA LYS A 92 -4.60 -6.96 19.60
C LYS A 92 -4.66 -6.15 18.30
N VAL A 93 -4.12 -4.93 18.37
CA VAL A 93 -4.11 -4.08 17.20
C VAL A 93 -3.31 -4.72 16.06
N GLU A 94 -2.14 -5.26 16.40
CA GLU A 94 -1.31 -5.93 15.45
C GLU A 94 -2.04 -7.09 14.74
N THR A 95 -2.78 -7.89 15.51
CA THR A 95 -3.46 -9.03 14.94
C THR A 95 -4.56 -8.55 13.99
N GLU A 96 -5.26 -7.48 14.35
CA GLU A 96 -6.28 -6.94 13.48
C GLU A 96 -5.66 -6.39 12.18
N LEU A 97 -4.53 -5.70 12.29
CA LEU A 97 -3.78 -5.22 11.14
C LEU A 97 -3.37 -6.35 10.20
N GLN A 98 -2.80 -7.40 10.80
CA GLN A 98 -2.41 -8.56 10.02
C GLN A 98 -3.59 -9.16 9.32
N GLY A 99 -4.75 -9.21 10.01
CA GLY A 99 -5.95 -9.73 9.39
C GLY A 99 -6.39 -8.96 8.15
N VAL A 100 -6.34 -7.64 8.23
CA VAL A 100 -6.68 -6.79 7.08
C VAL A 100 -5.69 -7.04 5.93
N CYS A 101 -4.40 -7.10 6.25
CA CYS A 101 -3.40 -7.37 5.23
C CYS A 101 -3.66 -8.73 4.57
N ASP A 102 -3.94 -9.74 5.39
CA ASP A 102 -4.19 -11.07 4.85
C ASP A 102 -5.45 -11.08 3.96
N THR A 103 -6.47 -10.30 4.35
CA THR A 103 -7.67 -10.16 3.53
C THR A 103 -7.34 -9.58 2.17
N VAL A 104 -6.58 -8.49 2.15
CA VAL A 104 -6.26 -7.86 0.90
C VAL A 104 -5.42 -8.81 0.03
N LEU A 105 -4.37 -9.39 0.64
CA LEU A 105 -3.54 -10.33 -0.08
C LEU A 105 -4.38 -11.48 -0.65
N GLY A 106 -5.34 -11.92 0.13
CA GLY A 106 -6.23 -12.97 -0.33
C GLY A 106 -7.05 -12.61 -1.57
N LEU A 107 -7.55 -11.37 -1.61
CA LEU A 107 -8.30 -10.90 -2.78
C LEU A 107 -7.39 -10.84 -3.99
N LEU A 108 -6.13 -10.40 -3.78
CA LEU A 108 -5.19 -10.31 -4.88
C LEU A 108 -4.88 -11.69 -5.45
N ASP A 109 -4.73 -12.65 -4.54
CA ASP A 109 -4.37 -14.03 -4.93
C ASP A 109 -5.56 -14.82 -5.45
N SER A 110 -6.79 -14.40 -5.12
CA SER A 110 -8.00 -15.15 -5.46
C SER A 110 -9.08 -14.17 -5.92
N HIS A 111 -9.01 -13.62 -7.16
CA HIS A 111 -8.11 -14.02 -8.24
C HIS A 111 -7.70 -12.81 -9.05
N LEU A 112 -7.52 -11.67 -8.38
CA LEU A 112 -7.31 -10.45 -9.11
C LEU A 112 -6.07 -10.44 -9.98
N ILE A 113 -4.93 -10.85 -9.41
CA ILE A 113 -3.68 -10.79 -10.14
C ILE A 113 -3.71 -11.71 -11.35
N LYS A 114 -4.15 -12.96 -11.14
CA LYS A 114 -4.05 -13.92 -12.23
C LYS A 114 -4.89 -13.55 -13.44
N GLU A 115 -5.98 -12.80 -13.22
CA GLU A 115 -6.86 -12.39 -14.31
C GLU A 115 -6.45 -11.03 -15.00
N ALA A 116 -5.44 -10.37 -14.33
CA ALA A 116 -5.03 -9.03 -14.78
C ALA A 116 -3.94 -9.14 -15.84
N GLY A 117 -4.32 -8.87 -17.08
CA GLY A 117 -3.37 -8.94 -18.20
C GLY A 117 -2.85 -7.63 -18.73
N ASP A 118 -3.65 -6.56 -18.58
CA ASP A 118 -3.18 -5.28 -19.03
C ASP A 118 -2.16 -4.77 -18.03
N ALA A 119 -1.17 -4.06 -18.54
CA ALA A 119 -0.13 -3.55 -17.65
C ALA A 119 -0.67 -2.69 -16.51
N GLU A 120 -1.66 -1.85 -16.80
CA GLU A 120 -2.14 -0.91 -15.79
C GLU A 120 -2.79 -1.65 -14.65
N SER A 121 -3.50 -2.73 -14.95
CA SER A 121 -4.16 -3.48 -13.88
C SER A 121 -3.13 -4.34 -13.13
N ARG A 122 -2.30 -5.04 -13.88
CA ARG A 122 -1.36 -5.99 -13.26
C ARG A 122 -0.36 -5.25 -12.38
N VAL A 123 0.18 -4.14 -12.87
CA VAL A 123 1.10 -3.34 -12.05
C VAL A 123 0.40 -2.82 -10.79
N PHE A 124 -0.83 -2.32 -10.95
CA PHE A 124 -1.59 -1.82 -9.81
C PHE A 124 -1.73 -2.88 -8.72
N TYR A 125 -2.12 -4.09 -9.13
CA TYR A 125 -2.32 -5.17 -8.14
C TYR A 125 -0.99 -5.66 -7.53
N LEU A 126 0.05 -5.75 -8.34
CA LEU A 126 1.32 -6.18 -7.81
C LEU A 126 1.92 -5.13 -6.82
N LYS A 127 1.71 -3.85 -7.13
CA LYS A 127 2.07 -2.78 -6.19
C LYS A 127 1.32 -2.97 -4.86
N MET A 128 0.00 -3.25 -4.93
CA MET A 128 -0.77 -3.51 -3.73
C MET A 128 -0.17 -4.71 -2.95
N LYS A 129 0.17 -5.78 -3.67
CA LYS A 129 0.73 -6.96 -3.02
C LYS A 129 2.00 -6.58 -2.28
N GLY A 130 2.87 -5.81 -2.93
CA GLY A 130 4.08 -5.34 -2.25
C GLY A 130 3.78 -4.49 -1.02
N ASP A 131 2.82 -3.57 -1.16
CA ASP A 131 2.45 -2.67 -0.08
C ASP A 131 1.95 -3.46 1.14
N TYR A 132 1.06 -4.45 0.94
CA TYR A 132 0.46 -5.16 2.10
C TYR A 132 1.48 -6.12 2.70
N TYR A 133 2.37 -6.72 1.91
CA TYR A 133 3.50 -7.44 2.52
C TYR A 133 4.40 -6.48 3.29
N ARG A 134 4.60 -5.26 2.78
CA ARG A 134 5.41 -4.25 3.51
C ARG A 134 4.75 -3.97 4.86
N TYR A 135 3.43 -3.81 4.90
CA TYR A 135 2.75 -3.56 6.19
C TYR A 135 2.92 -4.76 7.13
N LEU A 136 2.84 -5.97 6.60
CA LEU A 136 3.14 -7.12 7.43
C LEU A 136 4.59 -7.09 7.96
N ALA A 137 5.51 -6.65 7.11
CA ALA A 137 6.92 -6.58 7.49
C ALA A 137 7.16 -5.58 8.60
N GLU A 138 6.39 -4.49 8.60
CA GLU A 138 6.57 -3.46 9.59
C GLU A 138 6.40 -4.01 11.01
N VAL A 139 5.53 -5.02 11.16
CA VAL A 139 5.22 -5.55 12.48
C VAL A 139 5.81 -6.91 12.76
N ALA A 140 6.49 -7.48 11.77
CA ALA A 140 7.08 -8.81 11.87
C ALA A 140 8.34 -8.81 12.69
N THR A 141 8.43 -9.83 13.56
CA THR A 141 9.58 -10.04 14.42
C THR A 141 10.04 -11.48 14.50
N GLY A 142 9.34 -12.44 13.85
CA GLY A 142 9.64 -13.87 13.99
C GLY A 142 10.41 -14.59 12.86
N ASP A 143 10.26 -15.93 12.81
CA ASP A 143 10.96 -16.89 11.89
C ASP A 143 10.74 -16.47 10.42
N ASP A 144 9.55 -15.90 10.16
CA ASP A 144 9.12 -15.57 8.82
C ASP A 144 9.40 -14.13 8.33
N LYS A 145 10.03 -13.28 9.18
CA LYS A 145 10.22 -11.88 8.82
C LYS A 145 10.97 -11.76 7.48
N LYS A 146 12.04 -12.53 7.31
CA LYS A 146 12.79 -12.47 6.07
C LYS A 146 11.94 -12.83 4.87
N ARG A 147 11.11 -13.86 5.01
CA ARG A 147 10.28 -14.35 3.89
C ARG A 147 9.22 -13.26 3.63
N ILE A 148 8.71 -12.59 4.66
CA ILE A 148 7.71 -11.56 4.41
C ILE A 148 8.32 -10.38 3.63
N ILE A 149 9.51 -9.97 4.04
CA ILE A 149 10.25 -8.93 3.34
C ILE A 149 10.51 -9.32 1.91
N ASP A 150 10.91 -10.59 1.70
CA ASP A 150 11.18 -11.04 0.35
C ASP A 150 9.92 -11.08 -0.52
N SER A 151 8.77 -11.41 0.09
CA SER A 151 7.51 -11.40 -0.64
C SER A 151 7.17 -10.01 -1.13
N ALA A 152 7.38 -9.02 -0.26
CA ALA A 152 7.16 -7.63 -0.67
C ALA A 152 8.07 -7.26 -1.83
N ARG A 153 9.37 -7.54 -1.65
CA ARG A 153 10.37 -7.23 -2.69
C ARG A 153 9.97 -7.86 -4.02
N SER A 154 9.61 -9.15 -4.00
CA SER A 154 9.33 -9.88 -5.23
C SER A 154 8.13 -9.28 -5.97
N ALA A 155 7.08 -8.91 -5.23
CA ALA A 155 5.90 -8.35 -5.82
C ALA A 155 6.27 -6.98 -6.45
N TYR A 156 6.95 -6.13 -5.68
CA TYR A 156 7.38 -4.82 -6.17
C TYR A 156 8.26 -5.00 -7.42
N GLN A 157 9.17 -5.97 -7.40
CA GLN A 157 10.09 -6.12 -8.52
C GLN A 157 9.37 -6.52 -9.80
N GLU A 158 8.40 -7.46 -9.68
CA GLU A 158 7.63 -7.83 -10.86
C GLU A 158 6.86 -6.63 -11.40
N ALA A 159 6.28 -5.83 -10.51
CA ALA A 159 5.56 -4.64 -10.91
C ALA A 159 6.50 -3.65 -11.61
N MET A 160 7.72 -3.49 -11.07
CA MET A 160 8.68 -2.56 -11.68
C MET A 160 9.05 -3.05 -13.05
N ASP A 161 9.30 -4.37 -13.19
CA ASP A 161 9.74 -4.86 -14.48
C ASP A 161 8.66 -4.58 -15.56
N ILE A 162 7.39 -4.92 -15.24
CA ILE A 162 6.32 -4.65 -16.18
C ILE A 162 6.17 -3.17 -16.48
N SER A 163 6.21 -2.37 -15.42
CA SER A 163 6.02 -0.92 -15.58
C SER A 163 7.07 -0.32 -16.52
N LYS A 164 8.33 -0.75 -16.38
CA LYS A 164 9.39 -0.18 -17.20
C LYS A 164 9.22 -0.58 -18.65
N LYS A 165 8.73 -1.80 -18.91
CA LYS A 165 8.52 -2.27 -20.28
C LYS A 165 7.31 -1.65 -20.95
N GLU A 166 6.24 -1.48 -20.18
CA GLU A 166 4.93 -1.21 -20.73
C GLU A 166 4.29 0.18 -20.57
N MET A 167 4.86 0.97 -19.65
CA MET A 167 4.29 2.25 -19.28
C MET A 167 5.30 3.37 -19.46
N PRO A 168 4.84 4.59 -19.80
CA PRO A 168 5.74 5.73 -19.87
C PRO A 168 6.24 6.10 -18.47
N PRO A 169 7.40 6.80 -18.40
CA PRO A 169 7.99 7.12 -17.10
C PRO A 169 7.17 8.10 -16.27
N THR A 170 6.19 8.78 -16.89
CA THR A 170 5.28 9.68 -16.16
C THR A 170 4.00 9.01 -15.69
N ASN A 171 3.77 7.74 -16.06
CA ASN A 171 2.52 7.10 -15.71
C ASN A 171 2.36 7.13 -14.19
N PRO A 172 1.25 7.62 -13.60
CA PRO A 172 1.11 7.75 -12.17
C PRO A 172 1.21 6.44 -11.40
N ILE A 173 0.78 5.32 -12.01
CA ILE A 173 0.92 4.04 -11.34
C ILE A 173 2.39 3.66 -11.24
N ARG A 174 3.11 3.83 -12.35
CA ARG A 174 4.56 3.58 -12.36
C ARG A 174 5.26 4.46 -11.31
N LEU A 175 4.90 5.73 -11.27
CA LEU A 175 5.49 6.65 -10.32
C LEU A 175 5.20 6.27 -8.87
N GLY A 176 3.94 5.95 -8.58
CA GLY A 176 3.54 5.56 -7.24
C GLY A 176 4.18 4.27 -6.78
N LEU A 177 4.29 3.31 -7.70
CA LEU A 177 5.02 2.07 -7.43
C LEU A 177 6.45 2.36 -7.03
N ALA A 178 7.13 3.21 -7.82
CA ALA A 178 8.53 3.54 -7.54
C ALA A 178 8.68 4.26 -6.22
N LEU A 179 7.77 5.20 -5.95
CA LEU A 179 7.76 5.91 -4.67
C LEU A 179 7.73 4.89 -3.50
N ASN A 180 6.77 3.96 -3.58
CA ASN A 180 6.58 3.01 -2.49
C ASN A 180 7.70 1.98 -2.39
N PHE A 181 8.21 1.50 -3.54
CA PHE A 181 9.32 0.57 -3.53
C PHE A 181 10.56 1.23 -2.94
N SER A 182 10.74 2.52 -3.24
CA SER A 182 11.84 3.30 -2.66
C SER A 182 11.70 3.35 -1.14
N VAL A 183 10.49 3.62 -0.65
CA VAL A 183 10.25 3.59 0.80
C VAL A 183 10.52 2.19 1.38
N PHE A 184 10.09 1.12 0.69
CA PHE A 184 10.45 -0.25 1.10
C PHE A 184 11.96 -0.36 1.30
N HIS A 185 12.74 0.11 0.32
CA HIS A 185 14.18 -0.02 0.45
C HIS A 185 14.68 0.71 1.68
N TYR A 186 14.18 1.92 1.91
CA TYR A 186 14.69 2.79 3.00
C TYR A 186 14.28 2.24 4.38
N GLU A 187 13.01 1.88 4.51
CA GLU A 187 12.40 1.60 5.82
C GLU A 187 12.38 0.13 6.21
N ILE A 188 12.36 -0.76 5.20
CA ILE A 188 12.20 -2.20 5.46
C ILE A 188 13.47 -2.99 5.14
N ALA A 189 14.11 -2.71 4.00
CA ALA A 189 15.24 -3.50 3.52
C ALA A 189 16.60 -2.95 3.96
N ASN A 190 16.61 -1.88 4.75
CA ASN A 190 17.89 -1.31 5.23
C ASN A 190 18.81 -0.97 4.08
N SER A 191 18.24 -0.37 3.03
CA SER A 191 18.95 -0.06 1.80
C SER A 191 18.70 1.38 1.42
N PRO A 192 19.14 2.36 2.24
CA PRO A 192 18.83 3.77 1.96
C PRO A 192 19.44 4.23 0.63
N GLU A 193 20.63 3.77 0.26
CA GLU A 193 21.18 4.14 -1.02
C GLU A 193 20.35 3.71 -2.20
N GLU A 194 19.80 2.50 -2.16
CA GLU A 194 18.93 2.01 -3.21
C GLU A 194 17.65 2.87 -3.25
N ALA A 195 17.14 3.20 -2.07
CA ALA A 195 15.94 4.04 -1.95
C ALA A 195 16.12 5.39 -2.64
N ILE A 196 17.26 6.02 -2.34
CA ILE A 196 17.59 7.34 -2.88
C ILE A 196 17.83 7.26 -4.40
N SER A 197 18.58 6.26 -4.84
CA SER A 197 18.86 6.10 -6.27
C SER A 197 17.53 5.92 -7.05
N LEU A 198 16.65 5.04 -6.54
CA LEU A 198 15.39 4.81 -7.20
C LEU A 198 14.57 6.08 -7.27
N ALA A 199 14.44 6.79 -6.15
CA ALA A 199 13.64 7.98 -6.18
C ALA A 199 14.18 9.04 -7.16
N LYS A 200 15.49 9.22 -7.18
CA LYS A 200 16.13 10.20 -8.05
C LYS A 200 15.97 9.83 -9.53
N THR A 201 16.27 8.57 -9.87
CA THR A 201 16.16 8.14 -11.26
C THR A 201 14.70 8.24 -11.73
N THR A 202 13.77 7.83 -10.88
CA THR A 202 12.36 7.91 -11.24
C THR A 202 11.96 9.36 -11.49
N PHE A 203 12.34 10.27 -10.59
CA PHE A 203 12.01 11.68 -10.72
C PHE A 203 12.57 12.21 -12.04
N ASP A 204 13.84 11.94 -12.32
CA ASP A 204 14.51 12.52 -13.46
C ASP A 204 13.95 12.00 -14.79
N GLU A 205 13.62 10.73 -14.84
CA GLU A 205 13.06 10.16 -16.04
C GLU A 205 11.64 10.66 -16.29
N ALA A 206 10.89 10.90 -15.21
CA ALA A 206 9.60 11.52 -15.37
C ALA A 206 9.70 12.94 -15.88
N MET A 207 10.60 13.73 -15.29
CA MET A 207 10.80 15.11 -15.70
C MET A 207 10.99 15.22 -17.20
N ALA A 208 11.82 14.33 -17.74
CA ALA A 208 12.14 14.32 -19.14
C ALA A 208 10.99 13.97 -20.09
N ASP A 209 9.92 13.37 -19.56
CA ASP A 209 8.75 12.96 -20.35
C ASP A 209 7.52 13.86 -20.14
N LEU A 210 7.60 14.84 -19.22
CA LEU A 210 6.46 15.72 -18.97
C LEU A 210 6.01 16.46 -20.21
N HIS A 211 6.94 16.74 -21.14
CA HIS A 211 6.61 17.53 -22.32
C HIS A 211 5.59 16.89 -23.22
N THR A 212 5.38 15.58 -23.05
CA THR A 212 4.45 14.78 -23.87
C THR A 212 3.01 14.86 -23.39
N LEU A 213 2.79 15.44 -22.21
CA LEU A 213 1.55 15.32 -21.49
C LEU A 213 0.61 16.49 -21.66
N SER A 214 -0.69 16.19 -21.62
CA SER A 214 -1.70 17.22 -21.45
C SER A 214 -1.57 17.88 -20.07
N GLU A 215 -2.26 19.02 -19.93
CA GLU A 215 -2.32 19.71 -18.64
C GLU A 215 -2.80 18.79 -17.52
N ASP A 216 -3.85 18.02 -17.78
CA ASP A 216 -4.40 17.20 -16.74
C ASP A 216 -3.48 16.05 -16.37
N SER A 217 -2.82 15.44 -17.37
CA SER A 217 -1.87 14.35 -17.07
C SER A 217 -0.63 14.90 -16.33
N TYR A 218 -0.20 16.07 -16.75
CA TYR A 218 0.90 16.80 -16.09
C TYR A 218 0.61 16.98 -14.61
N LYS A 219 -0.62 17.40 -14.27
CA LYS A 219 -0.97 17.62 -12.87
C LYS A 219 -0.80 16.32 -12.06
N ASP A 220 -1.29 15.21 -12.61
CA ASP A 220 -1.25 13.92 -11.94
C ASP A 220 0.19 13.48 -11.73
N SER A 221 1.01 13.56 -12.78
CA SER A 221 2.37 13.10 -12.69
C SER A 221 3.21 13.96 -11.72
N THR A 222 3.08 15.29 -11.84
CA THR A 222 3.86 16.17 -11.00
C THR A 222 3.52 16.07 -9.52
N LEU A 223 2.27 15.73 -9.22
CA LEU A 223 1.91 15.50 -7.81
C LEU A 223 2.80 14.41 -7.21
N ILE A 224 2.89 13.28 -7.91
CA ILE A 224 3.66 12.17 -7.35
C ILE A 224 5.14 12.49 -7.42
N MET A 225 5.58 13.20 -8.47
CA MET A 225 6.98 13.64 -8.50
C MET A 225 7.37 14.46 -7.29
N GLN A 226 6.45 15.30 -6.80
CA GLN A 226 6.73 16.08 -5.64
C GLN A 226 6.89 15.20 -4.39
N LEU A 227 6.15 14.10 -4.31
CA LEU A 227 6.32 13.15 -3.19
C LEU A 227 7.71 12.51 -3.24
N LEU A 228 8.17 12.15 -4.45
CA LEU A 228 9.52 11.66 -4.60
C LEU A 228 10.53 12.67 -4.09
N ARG A 229 10.36 13.94 -4.50
CA ARG A 229 11.27 15.02 -4.07
C ARG A 229 11.17 15.18 -2.54
N ASP A 230 9.96 15.09 -2.00
CA ASP A 230 9.82 15.25 -0.56
C ASP A 230 10.63 14.17 0.21
N ASN A 231 10.55 12.93 -0.27
CA ASN A 231 11.31 11.85 0.35
C ASN A 231 12.79 12.07 0.21
N LEU A 232 13.21 12.48 -0.99
CA LEU A 232 14.64 12.76 -1.20
C LEU A 232 15.13 13.83 -0.25
N THR A 233 14.32 14.88 -0.04
CA THR A 233 14.67 15.94 0.90
C THR A 233 14.78 15.44 2.34
N LEU A 234 13.90 14.51 2.70
CA LEU A 234 13.92 13.91 4.02
C LEU A 234 15.20 13.09 4.22
N TRP A 235 15.65 12.42 3.15
CA TRP A 235 16.71 11.42 3.24
C TRP A 235 18.12 11.92 2.96
N THR A 236 18.25 13.17 2.49
CA THR A 236 19.52 13.74 2.09
C THR A 236 19.74 15.07 2.79
N PHE B 1 7.46 10.23 8.97
CA PHE B 1 7.43 9.05 8.06
C PHE B 1 7.43 9.52 6.60
N PRO B 2 8.01 8.73 5.68
CA PRO B 2 8.05 9.14 4.29
C PRO B 2 6.71 8.94 3.55
N ALA B 3 6.61 9.61 2.42
CA ALA B 3 5.39 9.59 1.64
C ALA B 3 5.27 8.32 0.83
N TPO B 4 4.08 7.73 0.88
CA TPO B 4 3.65 6.62 0.01
CB TPO B 4 3.71 5.27 0.72
CG2 TPO B 4 5.13 4.91 1.11
OG1 TPO B 4 2.89 5.40 1.92
P TPO B 4 2.46 4.16 2.84
O1P TPO B 4 1.28 4.70 3.63
O2P TPO B 4 3.65 3.78 3.70
O3P TPO B 4 2.09 3.05 1.92
C TPO B 4 2.24 6.91 -0.53
O TPO B 4 1.54 7.72 0.08
N VAL B 5 1.87 6.26 -1.62
CA VAL B 5 0.55 6.42 -2.21
C VAL B 5 -0.16 5.12 -2.41
MG MG C . 16.95 -1.20 -10.75
MG MG D . -26.06 -9.55 -10.34
MG MG E . 1.98 -10.69 17.09
O1 NR6 F . -5.21 4.60 -13.35
C1 NR6 F . -5.77 3.99 -12.38
C2 NR6 F . -6.87 3.00 -12.68
N1 NR6 F . -5.48 4.22 -11.10
C3 NR6 F . -4.40 5.13 -10.66
C4 NR6 F . -4.70 6.63 -10.62
C5 NR6 F . -5.52 7.02 -9.39
C6 NR6 F . -5.57 8.53 -9.19
N2 NR6 F . -4.22 9.11 -9.18
C7 NR6 F . -3.81 9.80 -8.09
O2 NR6 F . -4.60 10.13 -7.19
C8 NR6 F . -2.36 10.14 -7.93
O3 NR6 F . -1.44 9.10 -8.19
C9 NR6 F . -1.61 7.85 -7.62
C10 NR6 F . -0.73 6.95 -8.17
C11 NR6 F . -0.73 5.63 -7.75
C12 NR6 F . -1.65 5.27 -6.79
CL2 NR6 F . -1.66 3.63 -6.26
C13 NR6 F . -2.53 6.15 -6.21
C14 NR6 F . -2.52 7.47 -6.62
C15 NR6 F . -1.98 11.08 -6.82
C16 NR6 F . -1.82 11.53 -8.24
C17 NR6 F . -3.52 8.89 -10.45
C18 NR6 F . -3.37 7.39 -10.70
#